data_4AZ9
#
_entry.id   4AZ9
#
_cell.length_a   43.526
_cell.length_b   54.241
_cell.length_c   122.660
_cell.angle_alpha   90.00
_cell.angle_beta   90.00
_cell.angle_gamma   90.00
#
_symmetry.space_group_name_H-M   'P 21 21 21'
#
loop_
_entity.id
_entity.type
_entity.pdbx_description
1 polymer 'SORTING NEXIN-24'
2 non-polymer 1,2-ETHANEDIOL
3 water water
#
_entity_poly.entity_id   1
_entity_poly.type   'polypeptide(L)'
_entity_poly.pdbx_seq_one_letter_code
;MHHHHHHSSGVDLGTENLYFQSMEVYIPSFRYEESDLERGYTVFKIEVLMNGRKHFVEKRYSEFHALHKKLKKCIKTPEI
PSKHVRNWVPKVLEQRRQGLETYLQAVILENEELPKLFLDFLNVRHLPS
;
_entity_poly.pdbx_strand_id   A,B
#
loop_
_chem_comp.id
_chem_comp.type
_chem_comp.name
_chem_comp.formula
EDO non-polymer 1,2-ETHANEDIOL 'C2 H6 O2'
#
# COMPACT_ATOMS: atom_id res chain seq x y z
N GLY A 14 12.28 -32.33 4.29
CA GLY A 14 12.76 -31.78 5.60
C GLY A 14 12.41 -30.32 5.69
N THR A 15 13.41 -29.44 5.64
CA THR A 15 13.20 -28.02 5.78
C THR A 15 13.36 -27.31 4.46
N GLU A 16 13.28 -28.07 3.37
CA GLU A 16 13.55 -27.54 2.05
C GLU A 16 12.63 -26.37 1.65
N ASN A 17 11.39 -26.41 2.10
CA ASN A 17 10.44 -25.37 1.74
C ASN A 17 10.35 -24.23 2.76
N LEU A 18 11.28 -24.21 3.72
CA LEU A 18 11.31 -23.20 4.74
C LEU A 18 12.45 -22.22 4.50
N TYR A 19 12.24 -20.95 4.83
CA TYR A 19 13.30 -19.96 4.77
C TYR A 19 13.20 -18.91 5.88
N PHE A 20 14.33 -18.31 6.23
CA PHE A 20 14.34 -17.25 7.23
C PHE A 20 13.93 -15.93 6.68
N GLN A 21 13.14 -15.20 7.45
CA GLN A 21 12.70 -13.88 7.08
C GLN A 21 13.44 -13.04 8.06
N SER A 22 14.56 -12.50 7.61
CA SER A 22 15.48 -11.85 8.48
C SER A 22 15.94 -10.59 7.75
N MET A 23 15.59 -9.45 8.27
CA MET A 23 16.12 -8.22 7.69
C MET A 23 16.37 -7.31 8.82
N GLU A 24 17.55 -6.69 8.85
CA GLU A 24 17.86 -5.62 9.79
C GLU A 24 18.28 -4.39 8.99
N VAL A 25 18.04 -3.22 9.55
CA VAL A 25 18.39 -1.95 8.90
CA VAL A 25 18.39 -1.98 8.90
C VAL A 25 19.00 -0.99 9.91
N TYR A 26 20.05 -0.30 9.47
CA TYR A 26 20.75 0.74 10.27
C TYR A 26 21.08 1.89 9.34
N ILE A 27 21.30 3.06 9.94
CA ILE A 27 21.76 4.23 9.18
C ILE A 27 23.07 4.70 9.86
N PRO A 28 24.21 4.14 9.46
CA PRO A 28 25.45 4.44 10.16
C PRO A 28 26.05 5.81 9.87
N SER A 29 25.68 6.42 8.75
CA SER A 29 26.38 7.64 8.31
C SER A 29 25.50 8.56 7.51
N PHE A 30 25.90 9.83 7.47
CA PHE A 30 25.30 10.80 6.64
C PHE A 30 26.30 11.83 6.11
N ARG A 31 25.87 12.53 5.06
CA ARG A 31 26.61 13.70 4.53
C ARG A 31 25.65 14.86 4.19
N TYR A 32 26.03 16.06 4.60
CA TYR A 32 25.30 17.26 4.25
C TYR A 32 26.12 17.98 3.19
N GLU A 33 25.46 18.26 2.06
CA GLU A 33 26.12 18.77 0.86
C GLU A 33 25.55 20.14 0.53
N GLU A 34 26.43 21.11 0.33
CA GLU A 34 26.02 22.39 -0.15
C GLU A 34 26.81 22.73 -1.42
N SER A 35 26.11 23.09 -2.49
CA SER A 35 26.82 23.44 -3.74
C SER A 35 26.18 24.60 -4.43
N ASP A 36 27.03 25.44 -5.04
CA ASP A 36 26.81 26.90 -5.19
C ASP A 36 25.44 27.48 -5.55
N LEU A 37 24.76 26.85 -6.50
CA LEU A 37 23.42 27.35 -6.90
C LEU A 37 22.29 26.45 -6.43
N GLU A 38 22.57 25.61 -5.43
CA GLU A 38 21.60 24.66 -4.95
C GLU A 38 21.27 24.82 -3.47
N ARG A 39 20.09 24.33 -3.12
CA ARG A 39 19.68 24.19 -1.74
C ARG A 39 20.60 23.10 -1.12
N GLY A 40 21.10 23.31 0.10
CA GLY A 40 21.81 22.25 0.83
C GLY A 40 20.88 21.08 1.03
N TYR A 41 21.43 19.87 1.08
CA TYR A 41 20.61 18.67 1.24
C TYR A 41 21.45 17.62 1.98
N THR A 42 20.77 16.66 2.62
CA THR A 42 21.47 15.64 3.37
C THR A 42 21.18 14.28 2.78
N VAL A 43 22.22 13.44 2.70
CA VAL A 43 22.11 12.08 2.19
C VAL A 43 22.46 11.12 3.32
N PHE A 44 21.56 10.18 3.59
CA PHE A 44 21.73 9.19 4.63
C PHE A 44 22.12 7.84 3.99
N LYS A 45 23.10 7.16 4.57
CA LYS A 45 23.53 5.83 4.11
C LYS A 45 22.87 4.78 4.97
N ILE A 46 22.00 4.00 4.33
CA ILE A 46 21.24 2.94 4.99
C ILE A 46 21.96 1.62 4.75
N GLU A 47 22.21 0.88 5.80
CA GLU A 47 22.83 -0.44 5.74
C GLU A 47 21.71 -1.46 5.89
N VAL A 48 21.63 -2.41 4.94
CA VAL A 48 20.59 -3.42 4.95
C VAL A 48 21.22 -4.80 5.08
N LEU A 49 20.79 -5.52 6.11
CA LEU A 49 21.33 -6.86 6.40
C LEU A 49 20.28 -7.91 6.21
N MET A 50 20.58 -8.94 5.41
CA MET A 50 19.68 -10.07 5.31
C MET A 50 20.30 -11.30 4.70
N ASN A 51 19.82 -12.46 5.12
CA ASN A 51 20.17 -13.74 4.50
C ASN A 51 21.65 -13.91 4.30
N GLY A 52 22.43 -13.51 5.30
CA GLY A 52 23.89 -13.63 5.24
C GLY A 52 24.62 -12.60 4.39
N ARG A 53 23.98 -11.47 4.05
CA ARG A 53 24.65 -10.44 3.25
C ARG A 53 24.22 -9.02 3.62
N LYS A 54 25.02 -8.08 3.18
CA LYS A 54 24.90 -6.68 3.59
C LYS A 54 24.98 -5.86 2.33
N HIS A 55 24.20 -4.81 2.25
CA HIS A 55 24.35 -3.85 1.15
C HIS A 55 23.97 -2.49 1.69
N PHE A 56 24.32 -1.47 0.92
CA PHE A 56 24.10 -0.09 1.32
C PHE A 56 23.25 0.62 0.28
N VAL A 57 22.41 1.53 0.76
CA VAL A 57 21.71 2.40 -0.17
CA VAL A 57 21.61 2.36 -0.11
C VAL A 57 21.69 3.81 0.38
N GLU A 58 21.98 4.76 -0.48
CA GLU A 58 21.96 6.21 -0.06
C GLU A 58 20.64 6.85 -0.44
N LYS A 59 20.09 7.62 0.46
CA LYS A 59 18.82 8.32 0.22
C LYS A 59 18.89 9.73 0.78
N ARG A 60 18.41 10.68 0.00
CA ARG A 60 18.25 12.05 0.54
C ARG A 60 17.09 12.08 1.52
N TYR A 61 17.14 13.07 2.41
CA TYR A 61 16.11 13.23 3.37
C TYR A 61 14.74 13.27 2.71
N SER A 62 14.62 14.00 1.59
CA SER A 62 13.34 14.08 0.92
C SER A 62 12.79 12.72 0.46
N GLU A 63 13.67 11.79 0.14
CA GLU A 63 13.24 10.49 -0.34
C GLU A 63 12.56 9.66 0.76
N PHE A 64 12.98 9.88 2.01
CA PHE A 64 12.31 9.23 3.13
C PHE A 64 10.86 9.72 3.23
N HIS A 65 10.66 11.02 3.04
CA HIS A 65 9.31 11.57 3.12
C HIS A 65 8.42 11.19 1.96
N ALA A 66 9.01 11.06 0.77
CA ALA A 66 8.28 10.54 -0.39
C ALA A 66 7.82 9.09 -0.15
N LEU A 67 8.70 8.28 0.42
CA LEU A 67 8.36 6.92 0.88
C LEU A 67 7.21 6.94 1.84
N HIS A 68 7.31 7.79 2.87
CA HIS A 68 6.34 7.83 3.94
C HIS A 68 4.96 8.16 3.40
N LYS A 69 4.90 9.13 2.48
CA LYS A 69 3.64 9.55 1.91
C LYS A 69 2.95 8.38 1.22
N LYS A 70 3.71 7.61 0.47
CA LYS A 70 3.17 6.43 -0.18
C LYS A 70 2.85 5.32 0.79
N LEU A 71 3.72 5.09 1.76
CA LEU A 71 3.53 3.98 2.70
C LEU A 71 2.26 4.13 3.53
N LYS A 72 1.89 5.35 3.86
CA LYS A 72 0.72 5.62 4.67
C LYS A 72 -0.54 5.10 4.01
N LYS A 73 -0.51 5.00 2.69
CA LYS A 73 -1.65 4.48 1.93
C LYS A 73 -1.73 2.96 1.99
N CYS A 74 -0.64 2.32 2.43
CA CYS A 74 -0.51 0.88 2.51
C CYS A 74 -0.72 0.35 3.92
N ILE A 75 -0.06 0.98 4.89
CA ILE A 75 -0.02 0.49 6.24
C ILE A 75 -0.13 1.62 7.22
N LYS A 76 -0.38 1.29 8.47
CA LYS A 76 -0.21 2.25 9.56
C LYS A 76 1.30 2.44 9.77
N THR A 77 1.77 3.66 9.63
CA THR A 77 3.23 3.93 9.66
C THR A 77 3.64 4.34 11.04
N PRO A 78 4.91 4.13 11.39
CA PRO A 78 5.44 4.73 12.61
C PRO A 78 5.55 6.25 12.47
N GLU A 79 5.80 6.94 13.59
CA GLU A 79 6.10 8.37 13.54
C GLU A 79 7.41 8.61 12.78
N ILE A 80 7.48 9.70 12.03
CA ILE A 80 8.69 10.07 11.30
C ILE A 80 9.06 11.52 11.69
N PRO A 81 10.37 11.88 11.69
CA PRO A 81 10.75 13.25 11.94
C PRO A 81 10.17 14.17 10.88
N SER A 82 10.10 15.46 11.17
CA SER A 82 9.38 16.38 10.33
C SER A 82 9.97 16.47 8.94
N LYS A 83 9.11 16.71 7.96
CA LYS A 83 9.53 16.72 6.54
C LYS A 83 10.55 17.79 6.24
N HIS A 84 10.43 18.94 6.88
CA HIS A 84 11.37 20.01 6.54
C HIS A 84 12.30 20.36 7.68
N VAL A 85 13.54 20.69 7.30
CA VAL A 85 14.62 21.02 8.20
C VAL A 85 15.30 22.18 7.53
N ARG A 86 15.34 23.34 8.17
CA ARG A 86 15.95 24.53 7.58
C ARG A 86 17.45 24.51 7.73
N ASN A 87 17.93 24.14 8.91
CA ASN A 87 19.35 24.29 9.28
C ASN A 87 19.95 22.99 9.72
N TRP A 88 20.79 22.40 8.87
CA TRP A 88 21.39 21.11 9.21
C TRP A 88 22.66 21.24 10.05
N VAL A 89 22.52 21.71 11.29
CA VAL A 89 23.63 21.73 12.21
C VAL A 89 23.88 20.28 12.69
N PRO A 90 25.08 19.99 13.22
CA PRO A 90 25.40 18.59 13.56
C PRO A 90 24.46 17.88 14.51
N LYS A 91 23.95 18.55 15.53
CA LYS A 91 23.01 17.88 16.40
C LYS A 91 21.67 17.53 15.74
N VAL A 92 21.23 18.34 14.80
CA VAL A 92 20.02 18.08 14.05
C VAL A 92 20.23 16.95 13.03
N LEU A 93 21.40 16.93 12.43
CA LEU A 93 21.75 15.86 11.54
C LEU A 93 21.67 14.53 12.31
N GLU A 94 22.27 14.49 13.49
CA GLU A 94 22.30 13.25 14.24
C GLU A 94 20.89 12.84 14.76
N GLN A 95 20.11 13.83 15.22
N GLN A 95 20.11 13.81 15.22
CA GLN A 95 18.75 13.58 15.68
CA GLN A 95 18.77 13.50 15.71
C GLN A 95 17.88 13.02 14.56
C GLN A 95 17.87 13.00 14.56
N ARG A 96 18.02 13.57 13.36
CA ARG A 96 17.28 13.06 12.20
C ARG A 96 17.80 11.69 11.75
N ARG A 97 19.12 11.47 11.82
CA ARG A 97 19.66 10.14 11.52
C ARG A 97 19.01 9.10 12.43
N GLN A 98 18.99 9.38 13.73
N GLN A 98 18.98 9.39 13.73
CA GLN A 98 18.43 8.46 14.72
CA GLN A 98 18.45 8.43 14.68
C GLN A 98 16.97 8.22 14.46
C GLN A 98 16.96 8.20 14.45
N GLY A 99 16.22 9.30 14.21
CA GLY A 99 14.79 9.22 13.98
C GLY A 99 14.44 8.43 12.76
N LEU A 100 15.21 8.62 11.68
CA LEU A 100 14.99 7.88 10.44
C LEU A 100 15.32 6.40 10.61
N GLU A 101 16.41 6.14 11.34
CA GLU A 101 16.77 4.76 11.63
C GLU A 101 15.69 4.04 12.40
N THR A 102 15.20 4.69 13.45
CA THR A 102 14.11 4.14 14.25
C THR A 102 12.84 3.88 13.43
N TYR A 103 12.53 4.80 12.53
CA TYR A 103 11.41 4.69 11.61
C TYR A 103 11.51 3.43 10.71
N LEU A 104 12.66 3.25 10.03
CA LEU A 104 12.84 2.07 9.19
C LEU A 104 12.80 0.79 10.03
N GLN A 105 13.46 0.80 11.18
CA GLN A 105 13.43 -0.38 12.05
C GLN A 105 12.01 -0.70 12.55
N ALA A 106 11.22 0.34 12.85
CA ALA A 106 9.84 0.17 13.28
C ALA A 106 8.96 -0.45 12.19
N VAL A 107 9.13 -0.01 10.95
CA VAL A 107 8.39 -0.59 9.84
C VAL A 107 8.66 -2.11 9.79
N ILE A 108 9.93 -2.49 9.91
CA ILE A 108 10.28 -3.90 9.82
C ILE A 108 9.68 -4.67 11.01
N LEU A 109 9.75 -4.09 12.20
CA LEU A 109 9.25 -4.81 13.39
C LEU A 109 7.73 -4.98 13.39
N GLU A 110 7.02 -3.98 12.87
CA GLU A 110 5.58 -3.91 12.95
C GLU A 110 4.82 -4.62 11.81
N ASN A 111 5.51 -5.02 10.76
CA ASN A 111 4.81 -5.46 9.53
C ASN A 111 5.40 -6.77 8.99
N GLU A 112 4.72 -7.88 9.28
CA GLU A 112 5.16 -9.24 8.88
C GLU A 112 5.43 -9.32 7.38
N GLU A 113 4.55 -8.74 6.57
CA GLU A 113 4.74 -8.72 5.13
C GLU A 113 5.05 -7.30 4.73
N LEU A 114 6.26 -7.04 4.29
CA LEU A 114 6.64 -5.67 3.96
C LEU A 114 6.11 -5.27 2.60
N PRO A 115 5.61 -4.06 2.49
CA PRO A 115 5.16 -3.60 1.16
C PRO A 115 6.29 -3.59 0.15
N LYS A 116 6.00 -3.95 -1.09
CA LYS A 116 7.00 -3.85 -2.16
C LYS A 116 7.62 -2.46 -2.25
N LEU A 117 6.81 -1.41 -2.03
CA LEU A 117 7.29 -0.01 -1.96
CA LEU A 117 7.41 -0.10 -2.13
C LEU A 117 8.49 0.15 -1.05
N PHE A 118 8.40 -0.49 0.11
CA PHE A 118 9.44 -0.41 1.12
C PHE A 118 10.65 -1.23 0.70
N LEU A 119 10.41 -2.44 0.22
CA LEU A 119 11.54 -3.26 -0.27
C LEU A 119 12.30 -2.58 -1.41
N ASP A 120 11.55 -1.96 -2.32
CA ASP A 120 12.15 -1.24 -3.46
C ASP A 120 13.03 -0.07 -2.95
N PHE A 121 12.54 0.65 -1.93
CA PHE A 121 13.29 1.76 -1.31
C PHE A 121 14.64 1.27 -0.80
N LEU A 122 14.67 0.07 -0.24
CA LEU A 122 15.88 -0.54 0.32
C LEU A 122 16.69 -1.35 -0.66
N ASN A 123 16.27 -1.37 -1.91
CA ASN A 123 16.92 -2.16 -2.98
CA ASN A 123 16.94 -2.14 -2.95
C ASN A 123 17.00 -3.64 -2.66
N VAL A 124 15.92 -4.17 -2.09
CA VAL A 124 15.81 -5.56 -1.82
C VAL A 124 14.96 -6.23 -2.90
N GLY B 14 -22.73 -10.74 20.74
CA GLY B 14 -22.43 -12.22 20.75
C GLY B 14 -22.58 -12.65 19.31
N THR B 15 -23.82 -12.96 18.94
CA THR B 15 -24.12 -13.05 17.52
C THR B 15 -24.14 -11.59 16.98
N GLU B 16 -24.52 -10.62 17.83
CA GLU B 16 -24.46 -9.20 17.45
C GLU B 16 -23.04 -8.77 17.11
N ASN B 17 -22.04 -9.32 17.80
CA ASN B 17 -20.67 -8.98 17.48
CA ASN B 17 -20.69 -8.93 17.48
C ASN B 17 -20.33 -9.42 16.08
N LEU B 18 -21.07 -10.42 15.56
CA LEU B 18 -20.86 -10.85 14.16
C LEU B 18 -21.06 -9.71 13.17
N TYR B 19 -21.80 -8.68 13.52
CA TYR B 19 -21.99 -7.54 12.61
C TYR B 19 -20.82 -6.54 12.57
N PHE B 20 -19.83 -6.71 13.45
CA PHE B 20 -18.72 -5.76 13.59
C PHE B 20 -17.34 -6.38 13.44
N GLN B 21 -17.27 -7.53 12.75
CA GLN B 21 -16.03 -8.28 12.68
C GLN B 21 -15.28 -8.04 11.38
N SER B 22 -15.96 -8.23 10.27
CA SER B 22 -15.30 -8.17 8.96
CA SER B 22 -15.27 -8.04 8.99
C SER B 22 -16.21 -7.51 7.93
N MET B 23 -15.60 -6.84 6.97
CA MET B 23 -16.32 -6.19 5.92
C MET B 23 -16.70 -7.33 4.96
N GLU B 24 -17.95 -7.36 4.52
CA GLU B 24 -18.46 -8.39 3.64
C GLU B 24 -18.78 -7.66 2.35
N VAL B 25 -18.19 -8.07 1.24
CA VAL B 25 -18.34 -7.34 -0.04
C VAL B 25 -18.85 -8.27 -1.11
N TYR B 26 -19.83 -7.76 -1.87
CA TYR B 26 -20.39 -8.47 -3.03
C TYR B 26 -20.43 -7.50 -4.20
N ILE B 27 -20.58 -8.05 -5.41
CA ILE B 27 -20.86 -7.24 -6.55
C ILE B 27 -22.11 -7.87 -7.20
N PRO B 28 -23.30 -7.46 -6.72
CA PRO B 28 -24.47 -8.23 -7.13
C PRO B 28 -24.96 -7.90 -8.54
N SER B 29 -24.52 -6.79 -9.09
CA SER B 29 -25.05 -6.33 -10.38
C SER B 29 -24.08 -5.50 -11.15
N PHE B 30 -24.35 -5.41 -12.45
CA PHE B 30 -23.65 -4.44 -13.29
C PHE B 30 -24.65 -3.83 -14.28
N ARG B 31 -24.27 -2.66 -14.78
CA ARG B 31 -25.03 -2.04 -15.84
C ARG B 31 -24.16 -1.44 -16.93
N TYR B 32 -24.65 -1.57 -18.15
CA TYR B 32 -24.02 -0.97 -19.32
C TYR B 32 -24.99 0.12 -19.77
N GLU B 33 -24.47 1.33 -19.93
CA GLU B 33 -25.28 2.48 -20.26
C GLU B 33 -24.71 3.25 -21.43
N GLU B 34 -25.60 3.74 -22.28
CA GLU B 34 -25.21 4.56 -23.38
C GLU B 34 -26.16 5.73 -23.46
N SER B 35 -25.63 6.94 -23.39
CA SER B 35 -26.49 8.16 -23.42
C SER B 35 -26.19 9.02 -24.57
N ASP B 36 -27.25 9.59 -25.16
CA ASP B 36 -27.18 10.46 -26.32
C ASP B 36 -26.19 9.84 -27.30
N LEU B 37 -25.14 10.58 -27.67
CA LEU B 37 -24.16 10.06 -28.62
C LEU B 37 -22.82 9.63 -27.93
N GLU B 38 -22.84 9.46 -26.60
CA GLU B 38 -21.63 9.09 -25.85
C GLU B 38 -21.32 7.58 -25.96
N ARG B 39 -20.05 7.25 -25.76
CA ARG B 39 -19.63 5.88 -25.77
C ARG B 39 -20.24 5.19 -24.54
N GLY B 40 -20.58 3.94 -24.69
CA GLY B 40 -21.10 3.17 -23.59
C GLY B 40 -20.05 2.77 -22.60
N TYR B 41 -20.47 2.51 -21.37
CA TYR B 41 -19.52 2.07 -20.35
C TYR B 41 -20.25 1.13 -19.38
N THR B 42 -19.49 0.23 -18.76
CA THR B 42 -20.06 -0.75 -17.83
C THR B 42 -19.60 -0.39 -16.43
N VAL B 43 -20.55 -0.37 -15.52
CA VAL B 43 -20.23 -0.09 -14.14
CA VAL B 43 -20.33 -0.04 -14.13
C VAL B 43 -20.71 -1.26 -13.30
N PHE B 44 -19.86 -1.64 -12.32
CA PHE B 44 -20.13 -2.72 -11.40
C PHE B 44 -20.61 -2.10 -10.09
N LYS B 45 -21.68 -2.65 -9.53
CA LYS B 45 -22.26 -2.08 -8.32
C LYS B 45 -21.80 -2.98 -7.18
N ILE B 46 -20.96 -2.41 -6.33
CA ILE B 46 -20.34 -3.11 -5.21
C ILE B 46 -21.22 -2.85 -4.00
N GLU B 47 -21.55 -3.91 -3.27
CA GLU B 47 -22.30 -3.81 -2.05
C GLU B 47 -21.35 -4.09 -0.90
N VAL B 48 -21.27 -3.17 0.06
CA VAL B 48 -20.38 -3.32 1.20
C VAL B 48 -21.24 -3.45 2.46
N LEU B 49 -21.07 -4.55 3.19
CA LEU B 49 -21.80 -4.79 4.43
CA LEU B 49 -21.81 -4.75 4.43
C LEU B 49 -20.82 -4.66 5.59
N MET B 50 -21.09 -3.75 6.52
CA MET B 50 -20.15 -3.50 7.58
C MET B 50 -20.90 -2.87 8.76
N ASN B 51 -20.59 -3.34 9.96
CA ASN B 51 -21.16 -2.73 11.19
C ASN B 51 -22.70 -2.66 11.16
N GLY B 52 -23.33 -3.68 10.58
CA GLY B 52 -24.77 -3.74 10.47
C GLY B 52 -25.40 -2.81 9.45
N ARG B 53 -24.57 -2.14 8.63
CA ARG B 53 -25.02 -1.19 7.63
C ARG B 53 -24.62 -1.72 6.26
N LYS B 54 -25.15 -1.08 5.23
CA LYS B 54 -24.92 -1.53 3.82
C LYS B 54 -24.72 -0.25 3.03
N HIS B 55 -23.80 -0.28 2.08
CA HIS B 55 -23.41 0.83 1.32
C HIS B 55 -23.18 0.33 -0.10
N PHE B 56 -23.55 1.10 -1.13
CA PHE B 56 -23.27 0.73 -2.52
C PHE B 56 -22.21 1.66 -3.08
N VAL B 57 -21.30 1.10 -3.90
CA VAL B 57 -20.33 1.96 -4.59
CA VAL B 57 -20.26 1.89 -4.55
C VAL B 57 -20.18 1.44 -6.01
N GLU B 58 -20.23 2.36 -6.98
CA GLU B 58 -20.16 1.99 -8.41
C GLU B 58 -18.77 2.23 -9.02
N LYS B 59 -18.23 1.24 -9.70
CA LYS B 59 -16.86 1.32 -10.28
C LYS B 59 -16.81 0.65 -11.64
N ARG B 60 -16.07 1.24 -12.55
CA ARG B 60 -15.71 0.60 -13.82
C ARG B 60 -14.53 -0.34 -13.65
N TYR B 61 -14.40 -1.29 -14.58
CA TYR B 61 -13.26 -2.20 -14.55
C TYR B 61 -11.96 -1.39 -14.49
N SER B 62 -11.88 -0.29 -15.25
CA SER B 62 -10.63 0.45 -15.31
C SER B 62 -10.25 0.95 -13.94
N GLU B 63 -11.24 1.21 -13.10
CA GLU B 63 -10.99 1.68 -11.73
C GLU B 63 -10.49 0.56 -10.84
N PHE B 64 -11.00 -0.66 -11.04
CA PHE B 64 -10.44 -1.83 -10.35
C PHE B 64 -9.00 -2.01 -10.78
N HIS B 65 -8.72 -1.87 -12.07
CA HIS B 65 -7.35 -2.08 -12.57
C HIS B 65 -6.38 -1.03 -12.03
N ALA B 66 -6.81 0.22 -11.97
CA ALA B 66 -5.98 1.28 -11.39
C ALA B 66 -5.68 1.01 -9.89
N LEU B 67 -6.70 0.56 -9.16
CA LEU B 67 -6.57 0.13 -7.78
C LEU B 67 -5.51 -0.96 -7.66
N HIS B 68 -5.62 -1.96 -8.52
CA HIS B 68 -4.76 -3.11 -8.47
C HIS B 68 -3.30 -2.74 -8.62
N LYS B 69 -3.03 -1.84 -9.57
CA LYS B 69 -1.68 -1.43 -9.88
C LYS B 69 -1.03 -0.78 -8.64
N LYS B 70 -1.80 0.01 -7.91
CA LYS B 70 -1.32 0.65 -6.69
C LYS B 70 -1.24 -0.34 -5.55
N LEU B 71 -2.23 -1.21 -5.43
CA LEU B 71 -2.28 -2.17 -4.33
C LEU B 71 -1.11 -3.14 -4.34
N LYS B 72 -0.63 -3.47 -5.53
CA LYS B 72 0.50 -4.41 -5.67
C LYS B 72 1.77 -3.91 -4.98
N LYS B 73 1.87 -2.60 -4.84
CA LYS B 73 2.99 -1.97 -4.17
C LYS B 73 2.87 -2.02 -2.65
N CYS B 74 1.68 -2.32 -2.15
CA CYS B 74 1.35 -2.42 -0.72
C CYS B 74 1.30 -3.84 -0.17
N ILE B 75 0.64 -4.72 -0.91
CA ILE B 75 0.40 -6.07 -0.43
C ILE B 75 0.60 -7.05 -1.57
N LYS B 76 0.65 -8.33 -1.24
CA LYS B 76 0.54 -9.38 -2.22
C LYS B 76 -0.94 -9.40 -2.61
N THR B 77 -1.23 -9.14 -3.87
CA THR B 77 -2.62 -9.04 -4.32
C THR B 77 -3.07 -10.33 -4.91
N PRO B 78 -4.38 -10.57 -4.90
CA PRO B 78 -4.92 -11.67 -5.69
C PRO B 78 -4.72 -11.37 -7.20
N GLU B 79 -4.89 -12.37 -8.04
CA GLU B 79 -4.87 -12.13 -9.51
C GLU B 79 -6.07 -11.26 -9.92
N ILE B 80 -5.84 -10.18 -10.63
CA ILE B 80 -6.97 -9.35 -11.13
C ILE B 80 -7.60 -10.04 -12.36
N PRO B 81 -8.93 -10.02 -12.48
CA PRO B 81 -9.52 -10.53 -13.75
C PRO B 81 -8.91 -9.82 -14.95
N SER B 82 -8.77 -10.52 -16.04
CA SER B 82 -8.00 -10.00 -17.16
C SER B 82 -8.63 -8.80 -17.85
N LYS B 83 -7.80 -7.88 -18.34
CA LYS B 83 -8.31 -6.87 -19.27
C LYS B 83 -8.57 -7.48 -20.65
N HIS B 84 -8.03 -8.65 -20.94
CA HIS B 84 -8.13 -9.21 -22.27
C HIS B 84 -9.24 -10.22 -22.35
N VAL B 85 -10.43 -9.67 -22.41
CA VAL B 85 -11.71 -10.39 -22.51
C VAL B 85 -12.64 -9.69 -23.50
N ARG B 86 -13.62 -10.44 -24.01
CA ARG B 86 -14.64 -9.90 -24.91
C ARG B 86 -15.63 -9.12 -24.07
N ASN B 87 -15.18 -7.93 -23.66
CA ASN B 87 -15.88 -7.07 -22.68
C ASN B 87 -17.16 -6.43 -23.17
N TRP B 88 -17.67 -6.83 -24.36
CA TRP B 88 -18.97 -6.40 -24.90
C TRP B 88 -20.02 -7.49 -24.84
N VAL B 89 -19.60 -8.70 -24.45
CA VAL B 89 -20.47 -9.88 -24.41
C VAL B 89 -21.06 -10.03 -23.00
N PRO B 90 -22.39 -10.03 -22.87
CA PRO B 90 -22.94 -10.15 -21.52
C PRO B 90 -22.43 -11.30 -20.65
N LYS B 91 -22.29 -12.52 -21.20
CA LYS B 91 -21.82 -13.60 -20.31
C LYS B 91 -20.37 -13.42 -19.84
N VAL B 92 -19.58 -12.73 -20.65
CA VAL B 92 -18.20 -12.43 -20.32
C VAL B 92 -18.18 -11.36 -19.20
N LEU B 93 -19.08 -10.40 -19.32
CA LEU B 93 -19.25 -9.38 -18.29
C LEU B 93 -19.70 -9.97 -16.96
N GLU B 94 -20.55 -10.98 -17.02
CA GLU B 94 -20.93 -11.77 -15.83
C GLU B 94 -19.71 -12.48 -15.20
N GLN B 95 -18.88 -13.10 -16.04
CA GLN B 95 -17.71 -13.74 -15.52
C GLN B 95 -16.75 -12.72 -14.86
N ARG B 96 -16.62 -11.57 -15.49
CA ARG B 96 -15.83 -10.49 -14.93
C ARG B 96 -16.40 -10.01 -13.61
N ARG B 97 -17.72 -9.88 -13.54
CA ARG B 97 -18.37 -9.50 -12.30
C ARG B 97 -17.98 -10.48 -11.19
N GLN B 98 -18.09 -11.76 -11.49
CA GLN B 98 -17.76 -12.78 -10.50
C GLN B 98 -16.29 -12.65 -10.08
N GLY B 99 -15.42 -12.47 -11.06
CA GLY B 99 -13.97 -12.35 -10.83
C GLY B 99 -13.60 -11.15 -9.97
N LEU B 100 -14.26 -10.01 -10.22
CA LEU B 100 -14.02 -8.79 -9.46
C LEU B 100 -14.51 -8.95 -8.03
N GLU B 101 -15.64 -9.63 -7.88
CA GLU B 101 -16.16 -9.90 -6.57
C GLU B 101 -15.18 -10.76 -5.77
N THR B 102 -14.73 -11.85 -6.38
CA THR B 102 -13.75 -12.74 -5.73
C THR B 102 -12.46 -11.98 -5.33
N TYR B 103 -12.01 -11.10 -6.23
CA TYR B 103 -10.85 -10.27 -5.99
C TYR B 103 -11.01 -9.41 -4.75
N LEU B 104 -12.09 -8.65 -4.66
CA LEU B 104 -12.30 -7.79 -3.48
C LEU B 104 -12.42 -8.65 -2.23
N GLN B 105 -13.18 -9.75 -2.31
CA GLN B 105 -13.29 -10.61 -1.14
C GLN B 105 -11.93 -11.19 -0.71
N ALA B 106 -11.09 -11.56 -1.68
CA ALA B 106 -9.78 -12.14 -1.37
C ALA B 106 -8.87 -11.12 -0.67
N VAL B 107 -8.93 -9.86 -1.09
CA VAL B 107 -8.13 -8.83 -0.45
C VAL B 107 -8.56 -8.71 1.00
N ILE B 108 -9.87 -8.71 1.24
CA ILE B 108 -10.39 -8.58 2.60
C ILE B 108 -9.99 -9.81 3.44
N LEU B 109 -10.08 -11.00 2.87
CA LEU B 109 -9.80 -12.21 3.62
C LEU B 109 -8.32 -12.30 4.02
N GLU B 110 -7.44 -11.87 3.13
CA GLU B 110 -6.03 -12.10 3.25
C GLU B 110 -5.30 -11.00 4.04
N ASN B 111 -5.96 -9.88 4.33
CA ASN B 111 -5.28 -8.70 4.87
C ASN B 111 -6.06 -8.10 6.01
N GLU B 112 -5.64 -8.46 7.22
CA GLU B 112 -6.34 -8.04 8.44
C GLU B 112 -6.45 -6.52 8.56
N GLU B 113 -5.38 -5.80 8.25
CA GLU B 113 -5.39 -4.34 8.24
C GLU B 113 -5.41 -3.94 6.78
N LEU B 114 -6.54 -3.42 6.33
CA LEU B 114 -6.65 -3.05 4.94
C LEU B 114 -5.93 -1.76 4.61
N PRO B 115 -5.26 -1.69 3.44
CA PRO B 115 -4.66 -0.46 3.03
C PRO B 115 -5.68 0.65 2.86
N LYS B 116 -5.29 1.86 3.21
CA LYS B 116 -6.15 3.02 2.99
C LYS B 116 -6.59 3.08 1.51
N LEU B 117 -5.70 2.74 0.59
CA LEU B 117 -6.06 2.71 -0.82
C LEU B 117 -7.33 1.92 -1.11
N PHE B 118 -7.45 0.79 -0.42
CA PHE B 118 -8.57 -0.11 -0.60
C PHE B 118 -9.82 0.45 0.11
N LEU B 119 -9.64 0.92 1.32
CA LEU B 119 -10.77 1.55 2.02
C LEU B 119 -11.32 2.72 1.22
N ASP B 120 -10.43 3.57 0.70
CA ASP B 120 -10.86 4.75 -0.07
C ASP B 120 -11.71 4.31 -1.26
N PHE B 121 -11.27 3.23 -1.91
CA PHE B 121 -11.98 2.67 -3.07
C PHE B 121 -13.42 2.30 -2.74
N LEU B 122 -13.64 1.81 -1.52
CA LEU B 122 -14.97 1.42 -1.01
C LEU B 122 -15.72 2.50 -0.21
N ASN B 123 -15.17 3.71 -0.18
CA ASN B 123 -15.73 4.85 0.58
C ASN B 123 -15.90 4.54 2.07
N VAL B 124 -14.90 3.87 2.61
CA VAL B 124 -14.80 3.56 4.02
C VAL B 124 -13.64 4.38 4.57
N ARG B 125 -13.82 4.88 5.79
CA ARG B 125 -12.84 5.72 6.49
C ARG B 125 -12.55 5.13 7.84
N HIS B 126 -11.29 5.27 8.27
CA HIS B 126 -10.85 4.83 9.60
C HIS B 126 -11.09 5.91 10.64
N LEU B 127 -11.26 5.50 11.91
CA LEU B 127 -11.53 6.41 13.05
C LEU B 127 -12.54 7.46 12.66
C1 EDO C . 27.08 20.78 9.52
O1 EDO C . 26.25 21.93 9.31
C2 EDO C . 28.49 21.30 9.62
O2 EDO C . 28.72 21.74 10.94
C1 EDO D . 0.42 3.23 -3.74
O1 EDO D . 0.94 1.91 -3.83
C2 EDO D . 0.41 3.55 -2.26
O2 EDO D . 1.40 4.52 -2.02
#